data_7XZW
#
_entry.id   7XZW
#
_cell.length_a   67.164
_cell.length_b   67.164
_cell.length_c   141.191
_cell.angle_alpha   90.000
_cell.angle_beta   90.000
_cell.angle_gamma   90.000
#
_symmetry.space_group_name_H-M   'P 41 21 2'
#
loop_
_entity.id
_entity.type
_entity.pdbx_description
1 polymer 'Ricin A chain'
2 non-polymer '(2R)-2-[(2-azanyl-4-oxidanylidene-3H-pteridin-7-yl)carbonylamino]-3-phenyl-propanoic acid'
3 non-polymer 'SULFATE ION'
4 water water
#
_entity_poly.entity_id   1
_entity_poly.type   'polypeptide(L)'
_entity_poly.pdbx_seq_one_letter_code
;MHHHHHHIFPKQYPIINFTTAGATVQSYTNFIRAVRGRLTTGADVRHEIPVLPNRVGLPINQRFILVELSNHAELSVTLA
LDVTNAYVVGYRAGNSAYFFHPDNQEDAEAITHLFTDVQNRYTFAFGGNYDRLEQLAGNLRENIELGNGPLEEAISALYY
YSTGGTQLPTLARSFIICIQMISEAARFQYIEGEMRTRIRYNRRSAPDPSVITLENSWGRLSTAIQESNQGAFASPIQLQ
RRNGSKFSVYDVSILIPIIALMVYRCAPPPSSQF
;
_entity_poly.pdbx_strand_id   A
#
# COMPACT_ATOMS: atom_id res chain seq x y z
N GLN A 12 -7.22 5.74 19.31
CA GLN A 12 -7.15 7.10 18.70
C GLN A 12 -7.23 7.02 17.17
N TYR A 13 -6.26 6.34 16.56
CA TYR A 13 -6.19 6.20 15.11
C TYR A 13 -7.33 5.32 14.58
N PRO A 14 -7.89 5.69 13.41
CA PRO A 14 -8.98 4.92 12.82
C PRO A 14 -8.55 3.49 12.45
N ILE A 15 -9.46 2.55 12.67
CA ILE A 15 -9.23 1.14 12.37
C ILE A 15 -10.20 0.69 11.27
N ILE A 16 -9.65 0.01 10.26
CA ILE A 16 -10.44 -0.64 9.22
C ILE A 16 -10.19 -2.15 9.34
N ASN A 17 -11.28 -2.91 9.38
CA ASN A 17 -11.21 -4.36 9.49
C ASN A 17 -11.43 -5.08 8.17
N PHE A 18 -10.58 -6.07 7.91
CA PHE A 18 -10.77 -6.99 6.78
C PHE A 18 -10.43 -8.41 7.18
N THR A 19 -11.22 -9.35 6.67
CA THR A 19 -10.87 -10.76 6.83
C THR A 19 -10.78 -11.51 5.50
N THR A 20 -9.80 -12.39 5.41
CA THR A 20 -9.66 -13.29 4.27
C THR A 20 -10.65 -14.46 4.36
N ALA A 21 -11.17 -14.70 5.56
CA ALA A 21 -12.17 -15.74 5.81
C ALA A 21 -13.44 -15.44 5.03
N GLY A 22 -13.71 -16.26 4.02
CA GLY A 22 -14.86 -16.08 3.12
C GLY A 22 -14.90 -14.76 2.37
N ALA A 23 -13.72 -14.19 2.10
CA ALA A 23 -13.62 -12.92 1.38
C ALA A 23 -14.26 -13.04 0.00
N THR A 24 -14.95 -11.98 -0.41
CA THR A 24 -15.55 -11.90 -1.73
C THR A 24 -15.07 -10.62 -2.41
N VAL A 25 -15.38 -10.51 -3.71
CA VAL A 25 -15.12 -9.27 -4.44
C VAL A 25 -15.73 -8.09 -3.68
N GLN A 26 -16.98 -8.22 -3.26
CA GLN A 26 -17.68 -7.13 -2.56
C GLN A 26 -17.03 -6.77 -1.23
N SER A 27 -16.67 -7.76 -0.41
CA SER A 27 -16.08 -7.46 0.90
C SER A 27 -14.70 -6.82 0.77
N TYR A 28 -13.95 -7.26 -0.25
CA TYR A 28 -12.65 -6.65 -0.55
C TYR A 28 -12.81 -5.23 -1.07
N THR A 29 -13.78 -5.02 -1.96
CA THR A 29 -14.08 -3.69 -2.51
C THR A 29 -14.47 -2.73 -1.39
N ASN A 30 -15.34 -3.17 -0.47
CA ASN A 30 -15.72 -2.37 0.68
C ASN A 30 -14.51 -1.97 1.52
N PHE A 31 -13.61 -2.93 1.74
CA PHE A 31 -12.39 -2.72 2.49
C PHE A 31 -11.48 -1.66 1.87
N ILE A 32 -11.17 -1.82 0.58
CA ILE A 32 -10.29 -0.86 -0.11
C ILE A 32 -10.91 0.54 -0.14
N ARG A 33 -12.23 0.63 -0.38
CA ARG A 33 -12.94 1.90 -0.33
CA ARG A 33 -12.96 1.90 -0.34
C ARG A 33 -12.82 2.57 1.03
N ALA A 34 -12.98 1.77 2.11
CA ALA A 34 -12.84 2.28 3.47
C ALA A 34 -11.42 2.76 3.76
N VAL A 35 -10.41 2.02 3.28
CA VAL A 35 -9.01 2.42 3.43
C VAL A 35 -8.75 3.77 2.77
N ARG A 36 -9.20 3.92 1.52
CA ARG A 36 -9.04 5.19 0.79
C ARG A 36 -9.71 6.35 1.52
N GLY A 37 -10.89 6.09 2.08
CA GLY A 37 -11.66 7.08 2.84
C GLY A 37 -10.94 7.59 4.07
N ARG A 38 -10.17 6.71 4.71
CA ARG A 38 -9.41 7.07 5.90
C ARG A 38 -8.04 7.66 5.57
N LEU A 39 -7.52 7.33 4.39
CA LEU A 39 -6.25 7.88 3.93
C LEU A 39 -6.34 9.33 3.48
N THR A 40 -7.39 9.66 2.72
CA THR A 40 -7.60 11.01 2.16
C THR A 40 -8.76 11.75 2.83
N THR A 41 -8.65 13.07 2.87
CA THR A 41 -9.63 13.94 3.52
C THR A 41 -10.65 14.53 2.53
N GLY A 42 -10.26 14.59 1.26
CA GLY A 42 -11.08 15.24 0.22
C GLY A 42 -10.69 16.69 -0.04
N ALA A 43 -9.72 17.19 0.74
CA ALA A 43 -9.20 18.55 0.61
C ALA A 43 -8.40 18.78 -0.67
N ASP A 44 -7.97 17.69 -1.31
CA ASP A 44 -7.03 17.75 -2.41
C ASP A 44 -7.37 16.76 -3.52
N VAL A 45 -8.00 17.26 -4.58
CA VAL A 45 -8.38 16.45 -5.74
C VAL A 45 -7.94 17.20 -6.99
N ARG A 46 -7.09 16.55 -7.78
CA ARG A 46 -6.50 17.19 -8.97
C ARG A 46 -6.68 16.31 -10.19
N HIS A 47 -7.34 16.87 -11.21
CA HIS A 47 -7.77 16.15 -12.42
C HIS A 47 -8.56 14.88 -12.08
N GLU A 48 -9.50 15.04 -11.14
CA GLU A 48 -10.38 13.98 -10.61
C GLU A 48 -9.66 12.95 -9.72
N ILE A 49 -8.35 13.13 -9.51
CA ILE A 49 -7.57 12.19 -8.70
C ILE A 49 -7.19 12.76 -7.34
N PRO A 50 -7.67 12.13 -6.24
CA PRO A 50 -7.33 12.55 -4.88
C PRO A 50 -5.84 12.47 -4.55
N VAL A 51 -5.40 13.39 -3.70
CA VAL A 51 -4.02 13.45 -3.22
C VAL A 51 -4.03 13.19 -1.72
N LEU A 52 -3.06 12.41 -1.25
CA LEU A 52 -2.87 12.14 0.16
C LEU A 52 -2.43 13.40 0.90
N PRO A 53 -2.65 13.46 2.24
CA PRO A 53 -2.24 14.65 2.99
C PRO A 53 -0.74 14.94 2.87
N ASN A 54 -0.42 16.23 2.79
CA ASN A 54 0.95 16.72 2.84
C ASN A 54 1.55 16.39 4.20
N ARG A 55 2.75 15.79 4.19
CA ARG A 55 3.53 15.49 5.39
C ARG A 55 3.85 16.76 6.21
N VAL A 56 4.11 17.85 5.49
CA VAL A 56 4.53 19.12 6.10
C VAL A 56 3.39 19.71 6.93
N GLY A 57 3.63 19.82 8.24
CA GLY A 57 2.66 20.37 9.19
C GLY A 57 1.51 19.45 9.55
N LEU A 58 1.57 18.18 9.16
CA LEU A 58 0.52 17.23 9.50
C LEU A 58 0.61 16.82 10.97
N PRO A 59 -0.47 17.09 11.74
CA PRO A 59 -0.43 16.75 13.17
C PRO A 59 -0.34 15.24 13.39
N ILE A 60 0.39 14.85 14.43
CA ILE A 60 0.62 13.44 14.75
C ILE A 60 -0.67 12.62 14.99
N ASN A 61 -1.71 13.27 15.53
CA ASN A 61 -3.00 12.60 15.74
C ASN A 61 -3.76 12.25 14.45
N GLN A 62 -3.23 12.70 13.31
CA GLN A 62 -3.83 12.45 12.00
C GLN A 62 -2.89 11.67 11.07
N ARG A 63 -1.80 11.15 11.62
CA ARG A 63 -0.70 10.62 10.81
C ARG A 63 -0.87 9.19 10.32
N PHE A 64 -1.58 8.38 11.09
CA PHE A 64 -1.68 6.94 10.81
C PHE A 64 -3.12 6.43 10.76
N ILE A 65 -3.29 5.33 10.02
CA ILE A 65 -4.49 4.49 10.10
C ILE A 65 -4.08 3.05 10.41
N LEU A 66 -5.03 2.28 10.94
CA LEU A 66 -4.77 0.91 11.32
C LEU A 66 -5.64 -0.03 10.50
N VAL A 67 -5.02 -1.08 9.99
CA VAL A 67 -5.72 -2.09 9.21
C VAL A 67 -5.63 -3.40 9.99
N GLU A 68 -6.76 -3.81 10.55
CA GLU A 68 -6.83 -5.05 11.32
C GLU A 68 -7.21 -6.19 10.40
N LEU A 69 -6.26 -7.08 10.16
CA LEU A 69 -6.44 -8.23 9.26
C LEU A 69 -6.70 -9.48 10.07
N SER A 70 -7.81 -10.15 9.75
CA SER A 70 -8.14 -11.43 10.35
C SER A 70 -8.15 -12.50 9.26
N ASN A 71 -8.00 -13.75 9.66
CA ASN A 71 -8.04 -14.84 8.69
C ASN A 71 -8.91 -16.03 9.14
N HIS A 72 -9.05 -17.02 8.26
CA HIS A 72 -9.82 -18.22 8.56
C HIS A 72 -9.25 -19.03 9.71
N ALA A 73 -7.93 -18.94 9.90
CA ALA A 73 -7.22 -19.58 11.02
C ALA A 73 -7.52 -18.95 12.40
N GLU A 74 -8.41 -17.95 12.42
CA GLU A 74 -8.78 -17.18 13.62
C GLU A 74 -7.63 -16.37 14.24
N LEU A 75 -6.73 -15.91 13.38
CA LEU A 75 -5.61 -15.09 13.80
C LEU A 75 -5.82 -13.67 13.32
N SER A 76 -5.24 -12.72 14.05
CA SER A 76 -5.35 -11.31 13.73
CA SER A 76 -5.34 -11.31 13.72
C SER A 76 -4.00 -10.60 13.83
N VAL A 77 -3.74 -9.69 12.89
CA VAL A 77 -2.60 -8.78 12.94
C VAL A 77 -3.10 -7.39 12.58
N THR A 78 -2.44 -6.36 13.10
CA THR A 78 -2.80 -4.98 12.79
C THR A 78 -1.63 -4.30 12.10
N LEU A 79 -1.86 -3.86 10.86
CA LEU A 79 -0.88 -3.08 10.12
C LEU A 79 -1.10 -1.61 10.39
N ALA A 80 -0.01 -0.87 10.52
CA ALA A 80 -0.07 0.59 10.63
C ALA A 80 0.34 1.19 9.29
N LEU A 81 -0.51 2.07 8.78
CA LEU A 81 -0.25 2.77 7.51
C LEU A 81 -0.08 4.27 7.74
N ASP A 82 0.95 4.82 7.12
CA ASP A 82 1.24 6.25 7.11
C ASP A 82 0.32 6.89 6.07
N VAL A 83 -0.50 7.86 6.49
CA VAL A 83 -1.48 8.48 5.58
C VAL A 83 -0.84 9.32 4.46
N THR A 84 0.42 9.72 4.65
CA THR A 84 1.09 10.58 3.66
C THR A 84 1.47 9.81 2.40
N ASN A 85 1.62 8.50 2.53
CA ASN A 85 2.08 7.69 1.40
C ASN A 85 1.46 6.30 1.30
N ALA A 86 0.55 5.99 2.23
CA ALA A 86 -0.07 4.66 2.37
C ALA A 86 0.92 3.53 2.71
N TYR A 87 2.15 3.88 3.11
CA TYR A 87 3.16 2.88 3.46
C TYR A 87 2.82 2.11 4.73
N VAL A 88 3.03 0.79 4.67
CA VAL A 88 2.95 -0.04 5.86
C VAL A 88 4.24 0.21 6.65
N VAL A 89 4.11 0.82 7.83
CA VAL A 89 5.28 1.19 8.63
C VAL A 89 5.65 0.15 9.69
N GLY A 90 4.70 -0.74 9.97
CA GLY A 90 4.90 -1.79 10.95
C GLY A 90 3.63 -2.55 11.23
N TYR A 91 3.72 -3.50 12.15
CA TYR A 91 2.56 -4.29 12.52
C TYR A 91 2.59 -4.71 13.98
N ARG A 92 1.40 -5.04 14.50
CA ARG A 92 1.26 -5.64 15.82
C ARG A 92 0.61 -7.02 15.70
N ALA A 93 1.17 -7.98 16.42
CA ALA A 93 0.52 -9.27 16.63
C ALA A 93 0.59 -9.60 18.11
N GLY A 94 -0.57 -9.58 18.77
CA GLY A 94 -0.66 -9.83 20.22
C GLY A 94 0.24 -8.91 21.03
N ASN A 95 1.20 -9.53 21.72
CA ASN A 95 2.09 -8.84 22.66
C ASN A 95 3.34 -8.17 22.07
N SER A 96 3.50 -8.23 20.74
CA SER A 96 4.67 -7.69 20.07
C SER A 96 4.33 -6.83 18.86
N ALA A 97 5.10 -5.76 18.69
CA ALA A 97 5.00 -4.88 17.52
C ALA A 97 6.37 -4.70 16.86
N TYR A 98 6.37 -4.63 15.54
CA TYR A 98 7.58 -4.58 14.74
C TYR A 98 7.47 -3.46 13.72
N PHE A 99 8.48 -2.60 13.66
CA PHE A 99 8.51 -1.48 12.73
C PHE A 99 9.68 -1.57 11.79
N PHE A 100 9.48 -1.22 10.53
CA PHE A 100 10.58 -1.09 9.58
C PHE A 100 11.51 0.04 10.03
N HIS A 101 12.78 -0.07 9.68
CA HIS A 101 13.78 0.94 9.99
C HIS A 101 13.35 2.30 9.42
N PRO A 102 13.16 3.31 10.30
CA PRO A 102 12.70 4.63 9.84
C PRO A 102 13.71 5.34 8.94
N ASP A 103 13.20 6.08 7.96
CA ASP A 103 14.02 6.80 6.98
C ASP A 103 14.70 8.03 7.58
N ASN A 104 14.08 8.59 8.62
CA ASN A 104 14.55 9.81 9.27
C ASN A 104 14.09 9.90 10.73
N GLN A 105 14.56 10.93 11.43
CA GLN A 105 14.26 11.13 12.84
C GLN A 105 12.78 11.46 13.11
N GLU A 106 12.17 12.22 12.20
CA GLU A 106 10.74 12.55 12.29
C GLU A 106 9.87 11.28 12.25
N ASP A 107 10.16 10.39 11.31
CA ASP A 107 9.44 9.11 11.20
C ASP A 107 9.66 8.20 12.41
N ALA A 108 10.89 8.19 12.94
CA ALA A 108 11.22 7.44 14.14
C ALA A 108 10.43 7.93 15.36
N GLU A 109 10.28 9.24 15.50
CA GLU A 109 9.43 9.80 16.56
C GLU A 109 7.97 9.44 16.31
N ALA A 110 7.52 9.56 15.06
CA ALA A 110 6.13 9.30 14.68
C ALA A 110 5.63 7.92 15.09
N ILE A 111 6.46 6.90 14.87
CA ILE A 111 6.08 5.51 15.17
C ILE A 111 5.99 5.17 16.67
N THR A 112 6.57 6.02 17.52
CA THR A 112 6.40 5.89 18.99
C THR A 112 4.95 6.17 19.43
N HIS A 113 4.15 6.76 18.54
CA HIS A 113 2.74 7.00 18.79
C HIS A 113 1.85 5.83 18.40
N LEU A 114 2.46 4.77 17.84
CA LEU A 114 1.75 3.57 17.44
C LEU A 114 1.90 2.43 18.43
N PHE A 115 0.79 1.70 18.63
CA PHE A 115 0.74 0.52 19.51
C PHE A 115 1.41 0.78 20.87
N THR A 116 0.99 1.85 21.53
CA THR A 116 1.66 2.38 22.73
C THR A 116 1.53 1.49 23.97
N ASP A 117 0.53 0.61 23.97
CA ASP A 117 0.28 -0.29 25.10
C ASP A 117 0.83 -1.72 24.89
N VAL A 118 1.52 -1.93 23.78
CA VAL A 118 2.13 -3.23 23.46
C VAL A 118 3.34 -3.51 24.37
N GLN A 119 3.47 -4.76 24.81
CA GLN A 119 4.49 -5.17 25.77
C GLN A 119 5.92 -5.16 25.20
N ASN A 120 6.05 -5.58 23.94
CA ASN A 120 7.34 -5.71 23.27
C ASN A 120 7.40 -4.92 21.96
N ARG A 121 8.27 -3.89 21.93
CA ARG A 121 8.46 -3.03 20.77
C ARG A 121 9.79 -3.32 20.09
N TYR A 122 9.75 -3.57 18.78
CA TYR A 122 10.96 -3.79 18.01
C TYR A 122 11.01 -2.93 16.77
N THR A 123 12.20 -2.43 16.45
CA THR A 123 12.47 -1.86 15.15
C THR A 123 13.40 -2.80 14.40
N PHE A 124 12.96 -3.23 13.22
CA PHE A 124 13.81 -3.97 12.28
C PHE A 124 14.99 -3.10 11.88
N ALA A 125 16.16 -3.73 11.71
CA ALA A 125 17.33 -3.03 11.19
C ALA A 125 17.23 -2.74 9.70
N PHE A 126 16.28 -3.39 9.03
CA PHE A 126 16.05 -3.19 7.59
C PHE A 126 14.84 -2.30 7.31
N GLY A 127 14.92 -1.57 6.20
CA GLY A 127 13.81 -0.75 5.70
C GLY A 127 12.75 -1.63 5.06
N GLY A 128 11.60 -1.03 4.79
CA GLY A 128 10.44 -1.76 4.29
C GLY A 128 10.12 -1.62 2.82
N ASN A 129 11.05 -1.06 2.04
CA ASN A 129 10.92 -0.92 0.59
CA ASN A 129 10.88 -0.92 0.59
C ASN A 129 10.98 -2.28 -0.12
N TYR A 130 10.39 -2.36 -1.32
CA TYR A 130 10.39 -3.62 -2.09
C TYR A 130 11.78 -4.19 -2.34
N ASP A 131 12.73 -3.34 -2.73
CA ASP A 131 14.12 -3.76 -2.97
C ASP A 131 14.69 -4.59 -1.83
N ARG A 132 14.57 -4.05 -0.61
CA ARG A 132 15.04 -4.70 0.61
CA ARG A 132 15.04 -4.70 0.61
C ARG A 132 14.25 -5.97 0.92
N LEU A 133 12.93 -5.90 0.78
CA LEU A 133 12.07 -7.03 1.10
C LEU A 133 12.23 -8.19 0.14
N GLU A 134 12.42 -7.89 -1.15
CA GLU A 134 12.68 -8.89 -2.17
C GLU A 134 13.99 -9.63 -1.95
N GLN A 135 15.03 -8.88 -1.57
CA GLN A 135 16.34 -9.49 -1.30
C GLN A 135 16.28 -10.40 -0.07
N LEU A 136 15.51 -10.01 0.94
CA LEU A 136 15.27 -10.85 2.13
C LEU A 136 14.38 -12.06 1.85
N ALA A 137 13.39 -11.88 0.97
CA ALA A 137 12.50 -12.98 0.57
C ALA A 137 13.19 -14.01 -0.31
N GLY A 138 14.23 -13.59 -1.03
CA GLY A 138 14.89 -14.43 -2.03
C GLY A 138 14.04 -14.59 -3.29
N ASN A 139 13.08 -13.69 -3.45
CA ASN A 139 12.19 -13.66 -4.61
C ASN A 139 11.77 -12.24 -4.94
N LEU A 140 11.66 -11.96 -6.23
CA LEU A 140 11.12 -10.68 -6.71
C LEU A 140 9.60 -10.73 -6.67
N ARG A 141 8.98 -9.54 -6.66
CA ARG A 141 7.52 -9.43 -6.76
C ARG A 141 6.93 -10.26 -7.91
N GLU A 142 7.61 -10.26 -9.06
CA GLU A 142 7.17 -11.00 -10.25
C GLU A 142 6.99 -12.52 -10.03
N ASN A 143 7.57 -13.03 -8.94
CA ASN A 143 7.51 -14.46 -8.61
C ASN A 143 6.79 -14.78 -7.30
N ILE A 144 6.19 -13.75 -6.68
CA ILE A 144 5.42 -13.93 -5.44
C ILE A 144 3.92 -13.88 -5.75
N GLU A 145 3.25 -15.01 -5.50
CA GLU A 145 1.83 -15.13 -5.79
C GLU A 145 0.97 -14.26 -4.87
N LEU A 146 -0.03 -13.62 -5.46
CA LEU A 146 -0.99 -12.79 -4.75
C LEU A 146 -2.39 -13.36 -4.87
N GLY A 147 -3.25 -13.00 -3.93
CA GLY A 147 -4.62 -13.48 -3.90
C GLY A 147 -5.07 -13.69 -2.47
N ASN A 148 -6.29 -14.20 -2.29
CA ASN A 148 -6.82 -14.42 -0.95
C ASN A 148 -6.06 -15.47 -0.16
N GLY A 149 -5.68 -16.56 -0.83
CA GLY A 149 -4.85 -17.62 -0.23
C GLY A 149 -3.52 -17.08 0.29
N PRO A 150 -2.74 -16.42 -0.58
CA PRO A 150 -1.50 -15.79 -0.11
C PRO A 150 -1.69 -14.83 1.07
N LEU A 151 -2.76 -14.03 1.06
CA LEU A 151 -3.03 -13.10 2.15
C LEU A 151 -3.39 -13.81 3.45
N GLU A 152 -4.25 -14.83 3.36
CA GLU A 152 -4.57 -15.72 4.47
C GLU A 152 -3.30 -16.25 5.14
N GLU A 153 -2.39 -16.75 4.32
CA GLU A 153 -1.11 -17.33 4.76
C GLU A 153 -0.17 -16.26 5.31
N ALA A 154 -0.18 -15.08 4.69
CA ALA A 154 0.66 -13.95 5.13
C ALA A 154 0.28 -13.49 6.55
N ILE A 155 -1.02 -13.44 6.83
CA ILE A 155 -1.54 -13.07 8.14
C ILE A 155 -1.03 -14.05 9.22
N SER A 156 -1.11 -15.35 8.94
CA SER A 156 -0.57 -16.36 9.84
C SER A 156 0.95 -16.24 10.05
N ALA A 157 1.69 -15.98 8.98
CA ALA A 157 3.15 -15.81 9.02
C ALA A 157 3.57 -14.61 9.87
N LEU A 158 2.88 -13.49 9.69
CA LEU A 158 3.10 -12.31 10.53
C LEU A 158 2.77 -12.59 11.99
N TYR A 159 1.64 -13.27 12.23
CA TYR A 159 1.22 -13.62 13.59
C TYR A 159 2.28 -14.43 14.34
N TYR A 160 2.88 -15.42 13.68
CA TYR A 160 3.78 -16.38 14.34
C TYR A 160 5.27 -15.98 14.39
N TYR A 161 5.62 -14.83 13.82
CA TYR A 161 7.03 -14.38 13.77
C TYR A 161 7.70 -14.28 15.15
N SER A 162 7.01 -13.66 16.11
CA SER A 162 7.57 -13.43 17.45
C SER A 162 7.86 -14.71 18.25
N THR A 163 7.19 -15.80 17.91
CA THR A 163 7.36 -17.06 18.61
C THR A 163 8.31 -18.06 17.93
N GLY A 164 8.88 -17.65 16.79
CA GLY A 164 9.86 -18.45 16.08
C GLY A 164 9.36 -19.30 14.94
N GLY A 165 8.06 -19.22 14.66
CA GLY A 165 7.43 -20.05 13.63
C GLY A 165 7.65 -19.62 12.19
N THR A 166 8.11 -18.39 12.00
CA THR A 166 8.23 -17.78 10.67
C THR A 166 9.69 -17.39 10.36
N GLN A 167 10.25 -17.99 9.31
CA GLN A 167 11.59 -17.63 8.84
C GLN A 167 11.56 -16.25 8.18
N LEU A 168 12.69 -15.55 8.22
CA LEU A 168 12.78 -14.20 7.65
C LEU A 168 12.36 -14.08 6.17
N PRO A 169 12.77 -15.03 5.29
CA PRO A 169 12.28 -14.93 3.90
C PRO A 169 10.75 -15.01 3.77
N THR A 170 10.12 -15.88 4.57
CA THR A 170 8.65 -15.99 4.63
C THR A 170 8.01 -14.69 5.13
N LEU A 171 8.61 -14.09 6.17
CA LEU A 171 8.13 -12.82 6.71
C LEU A 171 8.17 -11.71 5.67
N ALA A 172 9.31 -11.62 4.96
CA ALA A 172 9.52 -10.63 3.90
C ALA A 172 8.49 -10.82 2.77
N ARG A 173 8.30 -12.08 2.34
CA ARG A 173 7.32 -12.42 1.32
CA ARG A 173 7.31 -12.43 1.32
C ARG A 173 5.91 -12.01 1.77
N SER A 174 5.61 -12.26 3.04
CA SER A 174 4.31 -11.94 3.62
C SER A 174 4.05 -10.43 3.64
N PHE A 175 5.07 -9.64 3.98
CA PHE A 175 4.97 -8.18 3.87
C PHE A 175 4.68 -7.73 2.43
N ILE A 176 5.40 -8.33 1.48
CA ILE A 176 5.24 -8.03 0.05
C ILE A 176 3.79 -8.28 -0.39
N ILE A 177 3.21 -9.39 0.07
CA ILE A 177 1.81 -9.72 -0.21
C ILE A 177 0.87 -8.65 0.37
N CYS A 178 1.02 -8.35 1.66
CA CYS A 178 0.17 -7.38 2.35
C CYS A 178 0.24 -6.00 1.73
N ILE A 179 1.46 -5.54 1.44
CA ILE A 179 1.67 -4.21 0.85
C ILE A 179 0.93 -4.06 -0.48
N GLN A 180 1.04 -5.07 -1.34
CA GLN A 180 0.41 -5.00 -2.65
C GLN A 180 -1.10 -5.10 -2.61
N MET A 181 -1.61 -5.98 -1.73
CA MET A 181 -3.05 -6.22 -1.66
C MET A 181 -3.80 -5.15 -0.88
N ILE A 182 -3.06 -4.32 -0.13
CA ILE A 182 -3.66 -3.26 0.67
C ILE A 182 -3.23 -1.89 0.14
N SER A 183 -1.97 -1.54 0.33
CA SER A 183 -1.47 -0.22 -0.06
C SER A 183 -1.53 0.03 -1.58
N GLU A 184 -1.03 -0.91 -2.37
CA GLU A 184 -1.06 -0.72 -3.83
C GLU A 184 -2.47 -0.73 -4.40
N ALA A 185 -3.32 -1.60 -3.85
CA ALA A 185 -4.73 -1.62 -4.24
C ALA A 185 -5.42 -0.30 -3.89
N ALA A 186 -5.09 0.27 -2.73
CA ALA A 186 -5.62 1.59 -2.35
C ALA A 186 -5.15 2.68 -3.34
N ARG A 187 -3.89 2.62 -3.73
CA ARG A 187 -3.30 3.62 -4.64
C ARG A 187 -3.84 3.52 -6.06
N PHE A 188 -4.11 2.31 -6.52
CA PHE A 188 -4.46 2.09 -7.92
C PHE A 188 -5.74 1.28 -8.07
N GLN A 189 -6.79 1.87 -8.65
CA GLN A 189 -8.00 1.10 -9.01
CA GLN A 189 -8.00 1.12 -9.01
C GLN A 189 -7.64 -0.10 -9.85
N TYR A 190 -6.65 0.05 -10.73
CA TYR A 190 -6.22 -1.05 -11.58
C TYR A 190 -5.71 -2.24 -10.77
N ILE A 191 -4.91 -1.98 -9.74
CA ILE A 191 -4.36 -3.05 -8.91
C ILE A 191 -5.46 -3.65 -8.03
N GLU A 192 -6.33 -2.80 -7.49
CA GLU A 192 -7.55 -3.27 -6.82
C GLU A 192 -8.31 -4.26 -7.71
N GLY A 193 -8.50 -3.89 -8.98
CA GLY A 193 -9.20 -4.74 -9.96
C GLY A 193 -8.53 -6.09 -10.16
N GLU A 194 -7.20 -6.08 -10.24
CA GLU A 194 -6.41 -7.30 -10.37
C GLU A 194 -6.57 -8.23 -9.16
N MET A 195 -6.69 -7.63 -7.97
CA MET A 195 -6.90 -8.41 -6.76
C MET A 195 -8.35 -8.92 -6.67
N ARG A 196 -9.30 -8.10 -7.11
CA ARG A 196 -10.72 -8.50 -7.19
C ARG A 196 -10.87 -9.75 -8.05
N THR A 197 -10.18 -9.76 -9.21
CA THR A 197 -10.19 -10.92 -10.13
C THR A 197 -9.67 -12.18 -9.44
N ARG A 198 -8.52 -12.07 -8.76
CA ARG A 198 -7.95 -13.21 -8.03
C ARG A 198 -8.90 -13.75 -6.98
N ILE A 199 -9.57 -12.85 -6.26
CA ILE A 199 -10.54 -13.23 -5.24
C ILE A 199 -11.77 -13.91 -5.85
N ARG A 200 -12.32 -13.30 -6.91
CA ARG A 200 -13.52 -13.82 -7.59
C ARG A 200 -13.38 -15.29 -7.98
N TYR A 201 -12.21 -15.66 -8.50
CA TYR A 201 -11.98 -17.01 -8.98
C TYR A 201 -11.18 -17.90 -8.02
N ASN A 202 -10.84 -17.33 -6.85
CA ASN A 202 -9.96 -17.96 -5.85
C ASN A 202 -8.71 -18.59 -6.47
N ARG A 203 -8.07 -17.81 -7.34
CA ARG A 203 -6.90 -18.25 -8.08
C ARG A 203 -5.74 -17.32 -7.79
N ARG A 204 -4.72 -17.85 -7.14
CA ARG A 204 -3.51 -17.09 -6.82
C ARG A 204 -2.57 -17.03 -8.02
N SER A 205 -1.95 -15.86 -8.20
CA SER A 205 -0.99 -15.63 -9.27
C SER A 205 -0.11 -14.44 -8.95
N ALA A 206 1.14 -14.51 -9.39
CA ALA A 206 2.08 -13.41 -9.29
C ALA A 206 1.65 -12.22 -10.15
N PRO A 207 2.00 -10.99 -9.73
CA PRO A 207 1.62 -9.81 -10.50
C PRO A 207 2.37 -9.73 -11.84
N ASP A 208 1.62 -9.41 -12.90
CA ASP A 208 2.18 -9.26 -14.23
C ASP A 208 2.90 -7.89 -14.36
N PRO A 209 3.60 -7.64 -15.49
CA PRO A 209 4.32 -6.37 -15.65
C PRO A 209 3.47 -5.09 -15.55
N SER A 210 2.18 -5.15 -15.89
CA SER A 210 1.31 -3.97 -15.75
C SER A 210 1.18 -3.53 -14.29
N VAL A 211 1.07 -4.52 -13.40
CA VAL A 211 1.02 -4.27 -11.95
C VAL A 211 2.36 -3.74 -11.43
N ILE A 212 3.44 -4.45 -11.76
CA ILE A 212 4.80 -4.12 -11.30
C ILE A 212 5.20 -2.70 -11.71
N THR A 213 5.00 -2.36 -12.98
CA THR A 213 5.39 -1.05 -13.49
C THR A 213 4.57 0.09 -12.89
N LEU A 214 3.28 -0.14 -12.62
CA LEU A 214 2.47 0.85 -11.91
C LEU A 214 3.01 1.10 -10.51
N GLU A 215 3.28 0.01 -9.77
CA GLU A 215 3.89 0.10 -8.43
C GLU A 215 5.18 0.91 -8.46
N ASN A 216 6.05 0.57 -9.42
CA ASN A 216 7.35 1.23 -9.54
C ASN A 216 7.24 2.70 -9.92
N SER A 217 6.15 3.07 -10.59
CA SER A 217 5.98 4.40 -11.14
C SER A 217 5.07 5.33 -10.33
N TRP A 218 4.60 4.89 -9.15
CA TRP A 218 3.62 5.67 -8.40
C TRP A 218 4.10 7.09 -8.07
N GLY A 219 5.32 7.21 -7.56
CA GLY A 219 5.91 8.52 -7.25
C GLY A 219 6.01 9.41 -8.48
N ARG A 220 6.53 8.84 -9.56
CA ARG A 220 6.74 9.56 -10.83
C ARG A 220 5.43 10.00 -11.46
N LEU A 221 4.43 9.11 -11.46
CA LEU A 221 3.10 9.43 -11.96
C LEU A 221 2.46 10.54 -11.15
N SER A 222 2.57 10.44 -9.83
CA SER A 222 2.07 11.49 -8.92
C SER A 222 2.70 12.84 -9.25
N THR A 223 4.02 12.87 -9.41
CA THR A 223 4.73 14.11 -9.73
C THR A 223 4.35 14.64 -11.12
N ALA A 224 4.32 13.76 -12.12
CA ALA A 224 3.98 14.16 -13.48
C ALA A 224 2.59 14.78 -13.57
N ILE A 225 1.62 14.19 -12.87
CA ILE A 225 0.26 14.71 -12.86
C ILE A 225 0.23 16.08 -12.18
N GLN A 226 0.88 16.18 -11.03
CA GLN A 226 0.83 17.41 -10.24
C GLN A 226 1.61 18.57 -10.86
N GLU A 227 2.67 18.24 -11.60
CA GLU A 227 3.48 19.24 -12.31
C GLU A 227 3.04 19.48 -13.75
N SER A 228 2.00 18.77 -14.20
CA SER A 228 1.52 18.85 -15.58
C SER A 228 1.03 20.25 -15.96
N ASN A 229 1.06 20.53 -17.25
CA ASN A 229 0.44 21.74 -17.78
C ASN A 229 -0.97 21.40 -18.23
N GLN A 230 -1.93 21.72 -17.37
CA GLN A 230 -3.36 21.44 -17.61
C GLN A 230 -3.63 19.95 -17.85
N GLY A 231 -2.82 19.09 -17.25
CA GLY A 231 -2.96 17.64 -17.44
C GLY A 231 -1.94 17.02 -18.38
N ALA A 232 -1.27 17.84 -19.20
CA ALA A 232 -0.31 17.37 -20.18
C ALA A 232 1.07 17.22 -19.55
N PHE A 233 1.66 16.03 -19.68
CA PHE A 233 2.98 15.76 -19.14
C PHE A 233 4.04 16.48 -19.99
N ALA A 234 5.08 16.98 -19.36
CA ALA A 234 6.23 17.54 -20.09
C ALA A 234 7.04 16.41 -20.72
N SER A 235 7.19 15.33 -19.96
CA SER A 235 7.89 14.13 -20.40
C SER A 235 6.94 12.94 -20.29
N PRO A 236 6.93 12.05 -21.31
CA PRO A 236 6.10 10.84 -21.21
C PRO A 236 6.63 9.86 -20.17
N ILE A 237 5.73 9.07 -19.59
CA ILE A 237 6.11 8.01 -18.66
C ILE A 237 5.81 6.67 -19.33
N GLN A 238 6.81 5.78 -19.33
CA GLN A 238 6.65 4.47 -19.94
C GLN A 238 6.18 3.46 -18.91
N LEU A 239 5.02 2.86 -19.20
CA LEU A 239 4.50 1.75 -18.40
C LEU A 239 4.54 0.49 -19.25
N GLN A 240 4.12 -0.63 -18.67
CA GLN A 240 4.04 -1.89 -19.41
C GLN A 240 2.64 -2.47 -19.40
N ARG A 241 2.30 -3.14 -20.51
CA ARG A 241 1.07 -3.93 -20.62
C ARG A 241 1.28 -5.28 -19.94
N ARG A 242 0.20 -6.06 -19.85
CA ARG A 242 0.23 -7.41 -19.27
C ARG A 242 1.26 -8.32 -19.92
N ASN A 243 1.45 -8.18 -21.22
CA ASN A 243 2.45 -8.96 -21.98
C ASN A 243 3.87 -8.39 -21.95
N GLY A 244 4.07 -7.29 -21.21
CA GLY A 244 5.38 -6.67 -21.05
C GLY A 244 5.74 -5.59 -22.06
N SER A 245 4.89 -5.40 -23.08
CA SER A 245 5.10 -4.37 -24.09
C SER A 245 4.88 -2.95 -23.53
N LYS A 246 5.50 -1.97 -24.16
CA LYS A 246 5.49 -0.58 -23.69
C LYS A 246 4.14 0.13 -23.92
N PHE A 247 3.75 0.93 -22.93
CA PHE A 247 2.58 1.81 -23.00
C PHE A 247 3.05 3.20 -22.56
N SER A 248 2.98 4.17 -23.46
CA SER A 248 3.41 5.54 -23.18
C SER A 248 2.26 6.38 -22.63
N VAL A 249 2.52 7.04 -21.50
CA VAL A 249 1.55 7.92 -20.86
C VAL A 249 1.98 9.38 -21.06
N TYR A 250 1.10 10.15 -21.70
CA TYR A 250 1.37 11.55 -22.04
C TYR A 250 0.52 12.54 -21.25
N ASP A 251 -0.50 12.03 -20.56
CA ASP A 251 -1.56 12.87 -20.02
C ASP A 251 -2.23 12.19 -18.84
N VAL A 252 -2.73 13.00 -17.90
CA VAL A 252 -3.51 12.52 -16.77
C VAL A 252 -4.78 11.75 -17.18
N SER A 253 -5.38 12.13 -18.31
CA SER A 253 -6.68 11.60 -18.73
C SER A 253 -6.73 10.07 -18.73
N ILE A 254 -5.70 9.45 -19.29
CA ILE A 254 -5.63 8.00 -19.40
C ILE A 254 -5.46 7.31 -18.03
N LEU A 255 -5.01 8.07 -17.03
CA LEU A 255 -4.74 7.56 -15.69
C LEU A 255 -5.91 7.65 -14.72
N ILE A 256 -6.93 8.45 -15.05
CA ILE A 256 -8.10 8.63 -14.18
C ILE A 256 -8.75 7.28 -13.75
N PRO A 257 -8.94 6.31 -14.69
CA PRO A 257 -9.45 5.00 -14.27
C PRO A 257 -8.43 4.07 -13.58
N ILE A 258 -7.16 4.48 -13.54
CA ILE A 258 -6.04 3.63 -13.14
C ILE A 258 -5.53 3.96 -11.74
N ILE A 259 -5.32 5.26 -11.48
CA ILE A 259 -4.77 5.70 -10.21
CA ILE A 259 -4.76 5.77 -10.21
C ILE A 259 -5.88 6.34 -9.34
N ALA A 260 -5.98 5.84 -8.11
CA ALA A 260 -7.00 6.28 -7.16
C ALA A 260 -6.52 7.34 -6.19
N LEU A 261 -5.22 7.30 -5.86
CA LEU A 261 -4.64 8.35 -5.04
CA LEU A 261 -4.59 8.21 -4.88
C LEU A 261 -3.17 8.59 -5.33
N MET A 262 -2.77 9.83 -5.07
CA MET A 262 -1.40 10.27 -5.34
C MET A 262 -0.72 10.71 -4.05
N VAL A 263 0.60 10.55 -4.00
CA VAL A 263 1.41 11.14 -2.93
C VAL A 263 1.54 12.65 -3.23
N TYR A 264 1.49 13.48 -2.18
CA TYR A 264 1.68 14.93 -2.35
C TYR A 264 3.10 15.23 -2.82
N ARG A 265 3.23 15.97 -3.92
CA ARG A 265 4.54 16.27 -4.49
C ARG A 265 4.83 17.75 -4.66
N CYS A 266 3.79 18.51 -5.00
CA CYS A 266 3.87 19.96 -5.09
C CYS A 266 2.51 20.60 -4.80
N ALA A 267 2.52 21.91 -4.55
CA ALA A 267 1.28 22.69 -4.44
C ALA A 267 0.59 22.75 -5.80
N PRO A 268 -0.76 22.66 -5.83
CA PRO A 268 -1.46 22.78 -7.11
C PRO A 268 -1.34 24.21 -7.67
N PRO A 269 -1.05 24.36 -8.98
CA PRO A 269 -0.96 25.69 -9.57
C PRO A 269 -2.32 26.39 -9.55
N PRO A 270 -2.34 27.75 -9.50
CA PRO A 270 -3.61 28.49 -9.52
C PRO A 270 -4.56 28.03 -10.63
N SER A 271 -5.86 28.04 -10.33
CA SER A 271 -6.92 27.52 -11.21
C SER A 271 -6.75 27.90 -12.69
N SER A 272 -6.42 29.18 -12.92
CA SER A 272 -6.07 29.73 -14.25
C SER A 272 -7.05 29.35 -15.36
N GLN A 273 -8.34 29.54 -15.08
CA GLN A 273 -9.40 29.36 -16.06
C GLN A 273 -9.36 30.50 -17.06
N PHE A 274 -9.75 30.20 -18.30
CA PHE A 274 -9.75 31.17 -19.40
C PHE A 274 -10.82 32.24 -19.21
#